data_8QQ4
#
_entry.id   8QQ4
#
_cell.length_a   78.071
_cell.length_b   87.080
_cell.length_c   99.335
_cell.angle_alpha   90.00
_cell.angle_beta   90.00
_cell.angle_gamma   90.00
#
_symmetry.space_group_name_H-M   'P 21 21 21'
#
loop_
_entity.id
_entity.type
_entity.pdbx_description
1 polymer 'Leukotriene A-4 hydrolase'
2 non-polymer 'ZINC ION'
3 non-polymer 'ACETATE ION'
4 non-polymer 'YTTERBIUM (III) ION'
5 non-polymer IMIDAZOLE
6 non-polymer (2R)-2-azanyl-3-[5-[4-(5-chloranyl-3-fluoranyl-pyridin-2-yl)oxyphenyl]-1,2,3,4-tetrazol-2-yl]propan-1-ol
7 water water
#
_entity_poly.entity_id   1
_entity_poly.type   'polypeptide(L)'
_entity_poly.pdbx_seq_one_letter_code
;GPGPEIVDTCSLASPASVCRTKHLHLRCSVDFTRRTLTGTAALTVQSQEDNLRSLVLDTKDLTIEKVVINGQEVKYALGE
RQSYKGSPMEISLPIALSKNQEIVIEISFETSPKSSALQWLTPEQTSGKEHPYLFSQCQAIHCRAILPCQDTPSVKLTYT
AEVSVPKELVALMSAIRDGETPDPEDPSRKIYKFIQKVPIPCYLIALVVGALESRQIGPRTLVWSEKEQVEKSAYEFSET
ESMLKIAEDLGGPYVWGQYDLLVLPPSFPYGGMENPCLTFVTPTLLAGDKSLSNVIAHEISHSWTGNLVTNKTWDHFWLN
EGHTVYLERHICGRLFGEKFRHFNALGGWGELQNSVKTFGETHPFTKLVVDLTDIDPDVAYSSVPYEKGFALLFYLEQLL
GGPEIFLGFLKAYVEKFSYKSITTDDWKDFLYSYFKDKVDVLNQVDWNAWLYSPGLPPIKPNYDMTLTNACIALSQRWIT
AKEDDLNSFNATDLKDLSSHQLNEFLAQTLQRAPLPLGHIKRMQEVYNFNAINNSEIRFRWLRLCIQSKWEDAIPLALKM
ATEQGRMKFTRPLFKDLAAFDKSHDQAVRTYQEHKASMHPVTAMLVGKDLKVD
;
_entity_poly.pdbx_strand_id   A
#
loop_
_chem_comp.id
_chem_comp.type
_chem_comp.name
_chem_comp.formula
ACT non-polymer 'ACETATE ION' 'C2 H3 O2 -1'
IMD non-polymer IMIDAZOLE 'C3 H5 N2 1'
WEE non-polymer (2R)-2-azanyl-3-[5-[4-(5-chloranyl-3-fluoranyl-pyridin-2-yl)oxyphenyl]-1,2,3,4-tetrazol-2-yl]propan-1-ol 'C15 H14 Cl F N6 O2'
YB non-polymer 'YTTERBIUM (III) ION' 'Yb 3'
ZN non-polymer 'ZINC ION' 'Zn 2'
#
# COMPACT_ATOMS: atom_id res chain seq x y z
N VAL A 7 19.16 -1.19 13.61
CA VAL A 7 18.46 -0.03 14.21
C VAL A 7 17.40 0.52 13.27
N ASP A 8 16.27 0.97 13.82
CA ASP A 8 15.24 1.57 12.98
C ASP A 8 15.49 3.06 12.86
N THR A 9 16.12 3.46 11.77
CA THR A 9 16.46 4.86 11.56
C THR A 9 15.26 5.75 11.22
N CYS A 10 14.05 5.17 11.09
CA CYS A 10 12.86 5.98 10.84
C CYS A 10 12.09 6.29 12.13
N SER A 11 12.48 5.70 13.27
CA SER A 11 11.77 5.91 14.53
C SER A 11 12.61 6.65 15.53
N LEU A 12 12.01 7.56 16.27
CA LEU A 12 12.68 8.28 17.37
C LEU A 12 12.34 7.65 18.75
N ALA A 13 11.48 6.62 18.77
CA ALA A 13 11.09 5.96 20.00
C ALA A 13 12.18 5.05 20.56
N SER A 14 12.04 4.66 21.84
CA SER A 14 12.90 3.65 22.46
C SER A 14 12.79 2.36 21.63
N PRO A 15 13.90 1.72 21.31
CA PRO A 15 13.83 0.50 20.49
C PRO A 15 13.31 -0.72 21.27
N ALA A 16 13.02 -1.82 20.53
CA ALA A 16 12.50 -3.06 21.12
C ALA A 16 13.44 -3.68 22.17
N SER A 17 14.74 -3.39 22.07
CA SER A 17 15.73 -3.86 23.02
C SER A 17 15.62 -3.13 24.40
N VAL A 18 14.93 -1.98 24.45
CA VAL A 18 14.73 -1.20 25.68
C VAL A 18 13.36 -1.51 26.29
N CYS A 19 12.29 -1.41 25.48
CA CYS A 19 10.95 -1.71 25.99
C CYS A 19 10.08 -2.08 24.80
N ARG A 20 9.01 -2.81 25.08
CA ARG A 20 8.13 -3.26 24.00
C ARG A 20 6.68 -3.05 24.36
N THR A 21 5.93 -2.41 23.47
CA THR A 21 4.50 -2.24 23.69
C THR A 21 3.84 -3.59 23.37
N LYS A 22 3.06 -4.12 24.30
CA LYS A 22 2.34 -5.38 24.13
C LYS A 22 0.88 -5.17 23.71
N HIS A 23 0.26 -4.06 24.14
CA HIS A 23 -1.14 -3.81 23.84
C HIS A 23 -1.45 -2.34 23.83
N LEU A 24 -2.42 -1.97 23.00
CA LEU A 24 -2.93 -0.61 22.97
C LEU A 24 -4.43 -0.70 23.22
N HIS A 25 -4.94 0.12 24.14
CA HIS A 25 -6.38 0.28 24.33
C HIS A 25 -6.66 1.74 23.99
N LEU A 26 -7.33 1.95 22.86
CA LEU A 26 -7.60 3.28 22.36
C LEU A 26 -9.05 3.65 22.61
N ARG A 27 -9.31 4.79 23.25
CA ARG A 27 -10.66 5.29 23.44
C ARG A 27 -10.63 6.66 22.81
N CYS A 28 -11.38 6.87 21.73
CA CYS A 28 -11.33 8.16 21.08
C CYS A 28 -12.66 8.61 20.51
N SER A 29 -12.74 9.89 20.20
CA SER A 29 -13.92 10.50 19.62
C SER A 29 -13.52 11.26 18.37
N VAL A 30 -14.31 11.09 17.29
CA VAL A 30 -14.02 11.75 16.02
C VAL A 30 -14.86 13.01 15.91
N ASP A 31 -14.19 14.17 15.89
CA ASP A 31 -14.90 15.44 15.79
C ASP A 31 -14.73 15.99 14.41
N PHE A 32 -15.78 15.89 13.57
CA PHE A 32 -15.71 16.37 12.19
C PHE A 32 -15.71 17.88 12.07
N THR A 33 -16.24 18.60 13.08
CA THR A 33 -16.27 20.06 13.02
C THR A 33 -14.84 20.60 13.23
N ARG A 34 -14.06 19.98 14.12
CA ARG A 34 -12.67 20.39 14.38
C ARG A 34 -11.62 19.63 13.57
N ARG A 35 -12.03 18.52 12.90
CA ARG A 35 -11.12 17.65 12.15
C ARG A 35 -10.05 17.11 13.11
N THR A 36 -10.50 16.66 14.28
CA THR A 36 -9.61 16.11 15.29
C THR A 36 -10.12 14.78 15.80
N LEU A 37 -9.19 13.88 16.18
CA LEU A 37 -9.47 12.64 16.86
C LEU A 37 -8.94 12.95 18.29
N THR A 38 -9.78 12.80 19.33
CA THR A 38 -9.35 13.12 20.69
C THR A 38 -9.58 11.93 21.56
N GLY A 39 -8.68 11.67 22.49
CA GLY A 39 -8.91 10.56 23.40
C GLY A 39 -7.70 10.14 24.18
N THR A 40 -7.68 8.87 24.55
CA THR A 40 -6.60 8.27 25.31
C THR A 40 -6.05 7.04 24.64
N ALA A 41 -4.73 6.92 24.67
CA ALA A 41 -4.06 5.75 24.16
C ALA A 41 -3.41 5.13 25.39
N ALA A 42 -3.88 3.96 25.82
CA ALA A 42 -3.29 3.28 26.97
C ALA A 42 -2.38 2.20 26.44
N LEU A 43 -1.07 2.39 26.62
CA LEU A 43 -0.11 1.42 26.14
C LEU A 43 0.34 0.53 27.25
N THR A 44 0.24 -0.77 27.08
CA THR A 44 0.80 -1.70 28.05
C THR A 44 2.24 -1.89 27.56
N VAL A 45 3.23 -1.49 28.35
CA VAL A 45 4.63 -1.57 27.90
C VAL A 45 5.41 -2.51 28.81
N GLN A 46 6.23 -3.38 28.24
CA GLN A 46 7.06 -4.32 28.98
C GLN A 46 8.51 -3.87 28.91
N SER A 47 9.15 -3.65 30.06
CA SER A 47 10.55 -3.29 30.09
C SER A 47 11.40 -4.47 29.57
N GLN A 48 12.43 -4.18 28.78
CA GLN A 48 13.41 -5.19 28.38
C GLN A 48 14.75 -4.97 29.10
N GLU A 49 14.81 -4.05 30.08
CA GLU A 49 16.04 -3.70 30.76
C GLU A 49 15.80 -3.61 32.25
N ASP A 50 16.88 -3.77 32.99
CA ASP A 50 16.86 -3.54 34.44
C ASP A 50 16.89 -2.03 34.69
N ASN A 51 16.17 -1.59 35.74
CA ASN A 51 16.19 -0.20 36.20
C ASN A 51 15.76 0.81 35.13
N LEU A 52 14.68 0.50 34.41
CA LEU A 52 14.18 1.38 33.37
C LEU A 52 13.42 2.55 33.98
N ARG A 53 13.85 3.79 33.69
CA ARG A 53 13.24 4.96 34.31
C ARG A 53 12.59 5.96 33.37
N SER A 54 12.75 5.75 32.07
CA SER A 54 12.11 6.60 31.10
C SER A 54 12.04 5.88 29.79
N LEU A 55 11.17 6.37 28.92
CA LEU A 55 11.06 5.81 27.60
C LEU A 55 10.63 6.88 26.64
N VAL A 56 10.88 6.65 25.34
CA VAL A 56 10.53 7.65 24.34
C VAL A 56 9.57 7.08 23.33
N LEU A 57 8.56 7.86 22.97
CA LEU A 57 7.59 7.46 21.95
C LEU A 57 7.65 8.42 20.77
N ASP A 58 7.20 7.93 19.61
CA ASP A 58 7.08 8.75 18.41
C ASP A 58 5.76 9.52 18.46
N THR A 59 5.77 10.76 17.97
CA THR A 59 4.55 11.57 17.81
C THR A 59 4.76 12.46 16.59
N LYS A 60 3.67 12.95 15.99
CA LYS A 60 3.82 13.88 14.87
C LYS A 60 2.61 14.76 14.85
N ASP A 61 2.77 16.04 15.22
CA ASP A 61 1.65 16.98 15.22
C ASP A 61 0.53 16.56 16.16
N LEU A 62 0.89 15.98 17.31
CA LEU A 62 -0.10 15.61 18.33
C LEU A 62 -0.04 16.62 19.44
N THR A 63 -1.21 16.92 20.01
CA THR A 63 -1.24 17.73 21.21
C THR A 63 -1.40 16.79 22.39
N ILE A 64 -0.50 16.87 23.37
CA ILE A 64 -0.57 16.00 24.53
C ILE A 64 -1.13 16.79 25.66
N GLU A 65 -2.18 16.28 26.29
CA GLU A 65 -2.83 16.94 27.41
C GLU A 65 -2.15 16.49 28.72
N LYS A 66 -1.93 15.19 28.87
CA LYS A 66 -1.34 14.62 30.08
C LYS A 66 -1.00 13.14 29.88
N VAL A 67 -0.15 12.62 30.78
CA VAL A 67 0.26 11.20 30.78
C VAL A 67 0.03 10.69 32.19
N VAL A 68 -0.73 9.61 32.30
CA VAL A 68 -1.10 9.04 33.58
C VAL A 68 -0.56 7.62 33.75
N ILE A 69 0.12 7.37 34.87
CA ILE A 69 0.61 6.05 35.25
C ILE A 69 0.24 5.85 36.72
N ASN A 70 -0.39 4.72 37.06
CA ASN A 70 -0.77 4.45 38.46
C ASN A 70 -1.76 5.50 39.01
N GLY A 71 -2.63 6.03 38.14
CA GLY A 71 -3.63 7.00 38.54
C GLY A 71 -3.12 8.42 38.78
N GLN A 72 -1.83 8.68 38.52
CA GLN A 72 -1.28 10.03 38.73
C GLN A 72 -0.55 10.56 37.49
N GLU A 73 -0.57 11.88 37.28
CA GLU A 73 0.11 12.48 36.15
C GLU A 73 1.61 12.41 36.33
N VAL A 74 2.30 12.12 35.24
CA VAL A 74 3.74 12.00 35.26
C VAL A 74 4.36 13.05 34.34
N LYS A 75 5.64 13.31 34.54
CA LYS A 75 6.35 14.26 33.71
C LYS A 75 6.67 13.69 32.34
N TYR A 76 6.57 14.53 31.34
CA TYR A 76 6.92 14.15 29.97
C TYR A 76 7.45 15.40 29.27
N ALA A 77 8.16 15.20 28.14
CA ALA A 77 8.70 16.34 27.39
C ALA A 77 8.67 16.00 25.93
N LEU A 78 8.28 16.97 25.10
CA LEU A 78 8.30 16.77 23.66
C LEU A 78 9.57 17.45 23.14
N GLY A 79 10.40 16.71 22.42
CA GLY A 79 11.62 17.26 21.86
C GLY A 79 11.35 18.06 20.59
N GLU A 80 12.41 18.66 20.03
CA GLU A 80 12.33 19.42 18.80
C GLU A 80 11.86 18.53 17.64
N ARG A 81 11.06 19.09 16.73
CA ARG A 81 10.59 18.31 15.60
C ARG A 81 11.75 17.96 14.67
N GLN A 82 11.74 16.73 14.15
CA GLN A 82 12.76 16.24 13.22
C GLN A 82 12.13 15.96 11.88
N SER A 83 11.67 17.01 11.19
CA SER A 83 11.07 16.93 9.87
C SER A 83 9.93 15.84 9.83
N TYR A 84 9.92 14.95 8.83
CA TYR A 84 8.91 13.93 8.62
C TYR A 84 8.85 12.89 9.76
N LYS A 85 9.90 12.81 10.60
CA LYS A 85 9.90 11.85 11.71
C LYS A 85 9.03 12.29 12.87
N GLY A 86 8.72 13.59 12.94
CA GLY A 86 7.93 14.11 14.04
C GLY A 86 8.77 14.50 15.23
N SER A 87 8.15 14.50 16.40
CA SER A 87 8.77 14.93 17.64
C SER A 87 8.83 13.79 18.66
N PRO A 88 9.99 13.56 19.27
CA PRO A 88 10.09 12.50 20.28
C PRO A 88 9.44 12.92 21.60
N MET A 89 8.74 11.99 22.24
CA MET A 89 8.07 12.26 23.49
C MET A 89 8.72 11.41 24.58
N GLU A 90 9.47 12.05 25.49
CA GLU A 90 10.12 11.31 26.57
C GLU A 90 9.24 11.31 27.80
N ILE A 91 8.95 10.13 28.36
CA ILE A 91 8.09 10.03 29.53
C ILE A 91 8.89 9.56 30.73
N SER A 92 8.80 10.27 31.85
CA SER A 92 9.54 9.91 33.06
C SER A 92 8.69 8.96 33.89
N LEU A 93 9.14 7.71 34.03
CA LEU A 93 8.41 6.73 34.79
C LEU A 93 8.46 7.04 36.28
N PRO A 94 7.33 6.87 36.98
CA PRO A 94 7.30 7.19 38.41
C PRO A 94 8.13 6.23 39.27
N ILE A 95 8.25 4.99 38.82
CA ILE A 95 9.01 3.96 39.53
C ILE A 95 9.84 3.16 38.53
N ALA A 96 11.11 2.96 38.85
CA ALA A 96 12.04 2.19 37.99
C ALA A 96 11.51 0.76 37.79
N LEU A 97 11.52 0.26 36.54
CA LEU A 97 11.02 -1.07 36.20
C LEU A 97 12.15 -2.09 36.08
N SER A 98 11.85 -3.31 36.50
CA SER A 98 12.73 -4.44 36.37
C SER A 98 12.57 -5.03 34.98
N LYS A 99 13.50 -5.90 34.54
CA LYS A 99 13.34 -6.54 33.21
C LYS A 99 12.07 -7.40 33.21
N ASN A 100 11.27 -7.31 32.12
CA ASN A 100 10.00 -8.03 31.93
C ASN A 100 8.80 -7.48 32.74
N GLN A 101 9.01 -6.43 33.55
CA GLN A 101 7.89 -5.80 34.25
C GLN A 101 7.02 -5.03 33.26
N GLU A 102 5.69 -5.12 33.43
CA GLU A 102 4.77 -4.43 32.54
C GLU A 102 4.02 -3.39 33.28
N ILE A 103 3.81 -2.23 32.63
CA ILE A 103 3.01 -1.16 33.19
C ILE A 103 2.05 -0.62 32.14
N VAL A 104 1.03 0.14 32.55
CA VAL A 104 0.11 0.77 31.59
C VAL A 104 0.32 2.28 31.62
N ILE A 105 0.54 2.88 30.45
CA ILE A 105 0.76 4.31 30.36
C ILE A 105 -0.40 4.88 29.57
N GLU A 106 -1.19 5.76 30.19
CA GLU A 106 -2.37 6.30 29.53
C GLU A 106 -2.10 7.73 29.07
N ILE A 107 -2.08 7.97 27.74
CA ILE A 107 -1.79 9.30 27.23
C ILE A 107 -3.02 9.97 26.67
N SER A 108 -3.36 11.17 27.16
CA SER A 108 -4.49 11.92 26.63
C SER A 108 -3.96 12.79 25.51
N PHE A 109 -4.54 12.68 24.34
CA PHE A 109 -4.02 13.37 23.17
C PHE A 109 -5.12 13.85 22.25
N GLU A 110 -4.72 14.68 21.28
CA GLU A 110 -5.59 15.11 20.20
C GLU A 110 -4.76 15.26 18.92
N THR A 111 -5.31 14.84 17.77
CA THR A 111 -4.56 14.96 16.52
C THR A 111 -4.68 16.38 15.94
N SER A 112 -3.84 16.71 14.97
CA SER A 112 -3.92 17.96 14.25
C SER A 112 -4.82 17.72 13.04
N PRO A 113 -5.59 18.74 12.58
CA PRO A 113 -6.32 18.59 11.31
C PRO A 113 -5.40 18.27 10.14
N LYS A 114 -4.12 18.67 10.22
CA LYS A 114 -3.13 18.41 9.15
C LYS A 114 -2.38 17.09 9.36
N SER A 115 -2.89 16.21 10.23
CA SER A 115 -2.28 14.87 10.47
C SER A 115 -1.98 14.18 9.16
N SER A 116 -0.72 13.80 8.94
CA SER A 116 -0.36 13.14 7.68
C SER A 116 -0.96 11.74 7.55
N ALA A 117 -1.53 11.18 8.64
CA ALA A 117 -2.15 9.86 8.57
C ALA A 117 -3.56 9.93 8.06
N LEU A 118 -4.24 11.09 8.12
CA LEU A 118 -5.66 11.19 7.90
C LEU A 118 -6.07 12.03 6.76
N GLN A 119 -7.20 11.65 6.14
CA GLN A 119 -7.81 12.55 5.19
C GLN A 119 -9.23 12.76 5.68
N TRP A 120 -9.61 14.05 5.88
CA TRP A 120 -10.95 14.45 6.28
C TRP A 120 -11.64 14.93 5.01
N LEU A 121 -12.80 14.37 4.71
CA LEU A 121 -13.56 14.73 3.51
C LEU A 121 -14.84 15.40 3.87
N THR A 122 -15.21 16.46 3.13
CA THR A 122 -16.46 17.13 3.35
C THR A 122 -17.56 16.31 2.67
N PRO A 123 -18.85 16.60 2.94
CA PRO A 123 -19.93 15.85 2.24
C PRO A 123 -19.81 15.90 0.73
N GLU A 124 -19.45 17.08 0.16
CA GLU A 124 -19.30 17.22 -1.30
C GLU A 124 -18.26 16.30 -1.91
N GLN A 125 -17.26 15.86 -1.10
CA GLN A 125 -16.21 14.97 -1.55
C GLN A 125 -16.59 13.47 -1.51
N THR A 126 -17.79 13.14 -1.01
CA THR A 126 -18.21 11.74 -0.88
C THR A 126 -19.24 11.41 -1.99
N SER A 127 -19.63 10.13 -2.11
CA SER A 127 -20.64 9.74 -3.09
C SER A 127 -22.06 10.22 -2.69
N GLY A 128 -22.39 10.14 -1.41
CA GLY A 128 -23.73 10.47 -0.92
C GLY A 128 -24.06 11.94 -0.79
N LYS A 129 -23.02 12.80 -0.61
CA LYS A 129 -23.14 14.26 -0.51
C LYS A 129 -23.82 14.81 0.74
N GLU A 130 -24.14 13.94 1.70
CA GLU A 130 -24.83 14.39 2.91
C GLU A 130 -23.97 14.33 4.16
N HIS A 131 -23.07 13.37 4.22
CA HIS A 131 -22.23 13.18 5.38
C HIS A 131 -20.74 13.29 5.04
N PRO A 132 -19.94 13.69 6.05
CA PRO A 132 -18.48 13.72 5.86
C PRO A 132 -17.88 12.30 5.96
N TYR A 133 -16.57 12.21 5.83
CA TYR A 133 -15.89 10.92 5.82
C TYR A 133 -14.46 11.11 6.29
N LEU A 134 -13.94 10.13 7.01
CA LEU A 134 -12.55 10.15 7.48
C LEU A 134 -11.93 8.78 7.17
N PHE A 135 -10.68 8.76 6.71
CA PHE A 135 -9.94 7.50 6.63
C PHE A 135 -8.49 7.72 6.98
N SER A 136 -7.88 6.68 7.55
CA SER A 136 -6.45 6.72 7.86
C SER A 136 -5.63 5.92 6.85
N GLN A 137 -4.30 6.12 6.88
CA GLN A 137 -3.36 5.35 6.07
C GLN A 137 -2.03 5.48 6.86
N CYS A 138 -1.73 4.45 7.68
CA CYS A 138 -0.57 4.55 8.57
C CYS A 138 0.75 4.11 7.96
N GLN A 139 0.74 3.19 6.97
CA GLN A 139 1.99 2.73 6.39
C GLN A 139 2.67 3.91 5.63
N ALA A 140 3.98 4.14 5.80
CA ALA A 140 4.89 3.37 6.66
C ALA A 140 4.94 3.93 8.09
N ILE A 141 5.10 5.29 8.25
CA ILE A 141 5.39 5.87 9.56
C ILE A 141 4.43 6.99 9.90
N HIS A 142 3.13 6.75 9.62
CA HIS A 142 2.12 7.75 9.95
C HIS A 142 1.29 7.40 11.17
N CYS A 143 1.48 6.22 11.78
CA CYS A 143 0.71 5.94 13.02
C CYS A 143 1.01 6.98 14.12
N ARG A 144 2.28 7.47 14.14
CA ARG A 144 2.70 8.50 15.11
C ARG A 144 1.90 9.80 14.94
N ALA A 145 1.27 10.02 13.76
CA ALA A 145 0.45 11.21 13.52
C ALA A 145 -1.02 11.01 13.95
N ILE A 146 -1.34 9.84 14.54
CA ILE A 146 -2.66 9.54 15.07
C ILE A 146 -2.52 9.44 16.59
N LEU A 147 -1.53 8.67 17.06
CA LEU A 147 -1.38 8.46 18.50
C LEU A 147 0.10 8.21 18.88
N PRO A 148 0.45 8.47 20.14
CA PRO A 148 1.86 8.27 20.56
C PRO A 148 2.17 6.78 20.60
N CYS A 149 3.27 6.35 20.02
CA CYS A 149 3.59 4.92 19.93
C CYS A 149 5.05 4.69 19.57
N GLN A 150 5.51 3.41 19.66
CA GLN A 150 6.83 3.04 19.16
C GLN A 150 6.56 2.74 17.70
N ASP A 151 6.71 3.77 16.85
CA ASP A 151 6.29 3.64 15.44
C ASP A 151 7.31 2.96 14.58
N THR A 152 7.51 1.67 14.86
CA THR A 152 8.47 0.84 14.18
C THR A 152 7.83 -0.54 13.98
N PRO A 153 8.06 -1.18 12.82
CA PRO A 153 7.47 -2.53 12.60
C PRO A 153 8.21 -3.62 13.39
N SER A 154 9.28 -3.25 14.13
CA SER A 154 10.03 -4.23 14.94
C SER A 154 9.28 -4.60 16.27
N VAL A 155 8.17 -3.90 16.57
CA VAL A 155 7.35 -4.12 17.75
C VAL A 155 5.95 -4.54 17.29
N LYS A 156 5.40 -5.60 17.89
CA LYS A 156 4.05 -6.04 17.56
C LYS A 156 3.22 -6.04 18.80
N LEU A 157 2.00 -5.56 18.66
CA LEU A 157 1.10 -5.45 19.79
C LEU A 157 -0.31 -5.85 19.40
N THR A 158 -1.12 -6.25 20.38
CA THR A 158 -2.56 -6.45 20.13
C THR A 158 -3.24 -5.11 20.42
N TYR A 159 -4.51 -4.95 20.05
CA TYR A 159 -5.21 -3.72 20.42
C TYR A 159 -6.69 -3.88 20.58
N THR A 160 -7.28 -3.00 21.40
CA THR A 160 -8.73 -2.88 21.55
C THR A 160 -9.03 -1.41 21.35
N ALA A 161 -10.21 -1.11 20.81
CA ALA A 161 -10.57 0.30 20.60
C ALA A 161 -12.05 0.53 20.82
N GLU A 162 -12.35 1.74 21.27
CA GLU A 162 -13.73 2.19 21.43
C GLU A 162 -13.73 3.57 20.77
N VAL A 163 -14.51 3.73 19.69
CA VAL A 163 -14.55 4.97 18.89
C VAL A 163 -15.92 5.61 18.89
N SER A 164 -16.02 6.85 19.39
CA SER A 164 -17.25 7.60 19.39
C SER A 164 -17.37 8.46 18.12
N VAL A 165 -18.49 8.32 17.40
CA VAL A 165 -18.74 9.04 16.17
C VAL A 165 -20.19 9.54 16.14
N PRO A 166 -20.50 10.52 15.28
CA PRO A 166 -21.91 10.91 15.08
C PRO A 166 -22.76 9.67 14.74
N LYS A 167 -23.90 9.49 15.44
CA LYS A 167 -24.71 8.28 15.35
C LYS A 167 -25.18 7.91 13.94
N GLU A 168 -25.22 8.86 13.01
CA GLU A 168 -25.61 8.55 11.63
C GLU A 168 -24.49 7.82 10.86
N LEU A 169 -23.27 7.80 11.40
CA LEU A 169 -22.10 7.25 10.73
C LEU A 169 -21.66 5.91 11.31
N VAL A 170 -20.76 5.22 10.58
CA VAL A 170 -20.23 3.93 10.99
C VAL A 170 -18.71 4.03 11.09
N ALA A 171 -18.11 3.45 12.14
CA ALA A 171 -16.66 3.35 12.25
C ALA A 171 -16.29 1.91 11.96
N LEU A 172 -15.15 1.71 11.30
CA LEU A 172 -14.55 0.39 11.10
C LEU A 172 -13.05 0.53 11.37
N MET A 173 -12.43 -0.56 11.79
CA MET A 173 -11.00 -0.61 12.04
C MET A 173 -10.39 -1.91 11.52
N SER A 174 -9.04 -2.00 11.58
CA SER A 174 -8.28 -3.19 11.18
C SER A 174 -8.35 -4.20 12.36
N ALA A 175 -9.55 -4.68 12.65
CA ALA A 175 -9.83 -5.47 13.83
C ALA A 175 -11.23 -6.11 13.68
N ILE A 176 -11.56 -7.04 14.58
CA ILE A 176 -12.88 -7.66 14.59
C ILE A 176 -13.89 -6.72 15.25
N ARG A 177 -15.07 -6.55 14.63
CA ARG A 177 -16.09 -5.69 15.22
C ARG A 177 -16.59 -6.31 16.51
N ASP A 178 -16.71 -5.51 17.56
CA ASP A 178 -17.05 -6.01 18.88
C ASP A 178 -18.27 -5.28 19.49
N GLY A 179 -19.22 -4.91 18.66
CA GLY A 179 -20.44 -4.29 19.13
C GLY A 179 -20.51 -2.79 18.98
N GLU A 180 -21.70 -2.24 19.17
CA GLU A 180 -21.96 -0.82 19.09
C GLU A 180 -23.02 -0.44 20.11
N THR A 181 -22.91 0.74 20.67
CA THR A 181 -23.90 1.20 21.67
C THR A 181 -24.08 2.69 21.50
N PRO A 182 -25.20 3.30 21.97
CA PRO A 182 -25.25 4.78 22.00
C PRO A 182 -24.14 5.26 22.98
N ASP A 183 -23.56 6.45 22.75
CA ASP A 183 -22.51 6.96 23.63
C ASP A 183 -23.19 7.35 24.95
N PRO A 184 -22.76 6.78 26.10
CA PRO A 184 -23.40 7.15 27.38
C PRO A 184 -23.23 8.63 27.75
N GLU A 185 -22.23 9.31 27.16
CA GLU A 185 -22.01 10.73 27.42
C GLU A 185 -22.72 11.64 26.43
N ASP A 186 -23.14 11.13 25.25
CA ASP A 186 -23.79 11.96 24.24
C ASP A 186 -24.71 11.13 23.34
N PRO A 187 -26.04 11.30 23.50
CA PRO A 187 -26.99 10.51 22.69
C PRO A 187 -27.01 10.83 21.20
N SER A 188 -26.31 11.88 20.73
CA SER A 188 -26.20 12.13 19.29
C SER A 188 -25.03 11.31 18.67
N ARG A 189 -24.36 10.50 19.47
CA ARG A 189 -23.20 9.71 19.05
C ARG A 189 -23.34 8.23 19.39
N LYS A 190 -22.56 7.41 18.69
CA LYS A 190 -22.51 5.97 18.95
C LYS A 190 -21.06 5.63 19.24
N ILE A 191 -20.84 4.57 20.01
CA ILE A 191 -19.51 4.06 20.25
C ILE A 191 -19.43 2.69 19.55
N TYR A 192 -18.42 2.54 18.68
CA TYR A 192 -18.15 1.29 18.00
C TYR A 192 -16.91 0.67 18.67
N LYS A 193 -16.97 -0.62 18.96
CA LYS A 193 -15.88 -1.32 19.66
C LYS A 193 -15.16 -2.28 18.74
N PHE A 194 -13.86 -2.52 18.99
CA PHE A 194 -13.04 -3.36 18.13
C PHE A 194 -12.02 -4.12 18.93
N ILE A 195 -11.67 -5.31 18.41
CA ILE A 195 -10.66 -6.14 19.04
C ILE A 195 -9.73 -6.76 18.00
N GLN A 196 -8.42 -6.57 18.19
CA GLN A 196 -7.43 -7.21 17.32
C GLN A 196 -6.56 -8.06 18.23
N LYS A 197 -6.87 -9.38 18.26
CA LYS A 197 -6.19 -10.37 19.11
C LYS A 197 -4.87 -10.90 18.57
N VAL A 198 -4.55 -10.60 17.30
CA VAL A 198 -3.28 -11.06 16.74
C VAL A 198 -2.28 -9.91 16.81
N PRO A 199 -1.08 -10.13 17.36
CA PRO A 199 -0.11 -9.03 17.46
C PRO A 199 0.29 -8.50 16.09
N ILE A 200 0.20 -7.19 15.92
CA ILE A 200 0.53 -6.54 14.66
C ILE A 200 1.52 -5.39 14.88
N PRO A 201 2.27 -5.05 13.83
CA PRO A 201 3.05 -3.79 13.87
C PRO A 201 2.05 -2.61 13.79
N CYS A 202 2.36 -1.45 14.42
CA CYS A 202 1.41 -0.35 14.49
C CYS A 202 1.06 0.24 13.13
N TYR A 203 1.89 0.06 12.05
CA TYR A 203 1.47 0.63 10.75
C TYR A 203 0.16 -0.02 10.20
N LEU A 204 -0.25 -1.16 10.80
CA LEU A 204 -1.48 -1.85 10.40
C LEU A 204 -2.73 -1.39 11.18
N ILE A 205 -2.59 -0.35 12.04
CA ILE A 205 -3.75 0.20 12.72
C ILE A 205 -4.48 1.04 11.67
N ALA A 206 -5.80 0.88 11.55
CA ALA A 206 -6.55 1.64 10.53
C ALA A 206 -7.93 1.99 11.03
N LEU A 207 -8.43 3.14 10.58
CA LEU A 207 -9.76 3.61 10.99
C LEU A 207 -10.41 4.28 9.79
N VAL A 208 -11.70 4.00 9.59
CA VAL A 208 -12.52 4.73 8.63
C VAL A 208 -13.83 5.10 9.37
N VAL A 209 -14.36 6.30 9.14
CA VAL A 209 -15.66 6.71 9.67
C VAL A 209 -16.44 7.36 8.51
N GLY A 210 -17.64 6.87 8.23
CA GLY A 210 -18.45 7.44 7.15
C GLY A 210 -19.81 6.79 7.02
N ALA A 211 -20.57 7.17 5.99
CA ALA A 211 -21.93 6.61 5.81
C ALA A 211 -21.73 5.32 5.03
N LEU A 212 -21.32 4.28 5.75
CA LEU A 212 -20.98 2.99 5.14
C LEU A 212 -22.11 1.99 5.22
N GLU A 213 -22.22 1.17 4.16
CA GLU A 213 -23.14 0.03 4.08
C GLU A 213 -22.33 -1.22 3.76
N SER A 214 -22.87 -2.41 4.06
CA SER A 214 -22.14 -3.65 3.78
C SER A 214 -22.98 -4.66 3.02
N ARG A 215 -22.28 -5.54 2.29
CA ARG A 215 -22.94 -6.63 1.61
C ARG A 215 -22.05 -7.86 1.77
N GLN A 216 -22.66 -9.00 2.12
CA GLN A 216 -21.87 -10.21 2.26
C GLN A 216 -21.54 -10.78 0.88
N ILE A 217 -20.29 -11.17 0.67
CA ILE A 217 -19.88 -11.75 -0.63
C ILE A 217 -19.20 -13.12 -0.49
N GLY A 218 -19.01 -13.58 0.74
CA GLY A 218 -18.39 -14.86 1.01
C GLY A 218 -18.60 -15.24 2.46
N PRO A 219 -18.17 -16.46 2.86
CA PRO A 219 -18.42 -16.90 4.25
C PRO A 219 -17.71 -16.08 5.33
N ARG A 220 -16.61 -15.40 4.94
CA ARG A 220 -15.89 -14.58 5.90
C ARG A 220 -15.58 -13.20 5.31
N THR A 221 -16.45 -12.71 4.38
CA THR A 221 -16.16 -11.43 3.77
C THR A 221 -17.39 -10.60 3.52
N LEU A 222 -17.36 -9.39 4.04
CA LEU A 222 -18.34 -8.36 3.71
C LEU A 222 -17.57 -7.33 2.88
N VAL A 223 -18.23 -6.72 1.92
CA VAL A 223 -17.67 -5.59 1.22
C VAL A 223 -18.39 -4.36 1.82
N TRP A 224 -17.62 -3.31 2.12
CA TRP A 224 -18.14 -2.08 2.70
C TRP A 224 -17.84 -0.90 1.79
N SER A 225 -18.78 0.03 1.65
CA SER A 225 -18.58 1.23 0.85
CA SER A 225 -18.56 1.25 0.90
C SER A 225 -19.77 2.14 1.12
N GLU A 226 -19.79 3.33 0.47
CA GLU A 226 -20.97 4.15 0.54
C GLU A 226 -22.05 3.39 -0.34
N LYS A 227 -23.33 3.59 -0.05
CA LYS A 227 -24.42 2.86 -0.74
C LYS A 227 -24.29 2.80 -2.27
N GLU A 228 -23.86 3.92 -2.89
CA GLU A 228 -23.76 4.02 -4.35
C GLU A 228 -22.76 3.02 -4.95
N GLN A 229 -21.76 2.52 -4.16
CA GLN A 229 -20.76 1.59 -4.73
C GLN A 229 -20.93 0.14 -4.27
N VAL A 230 -21.87 -0.14 -3.33
CA VAL A 230 -22.01 -1.52 -2.82
C VAL A 230 -22.21 -2.59 -3.92
N GLU A 231 -23.22 -2.40 -4.78
CA GLU A 231 -23.56 -3.41 -5.78
C GLU A 231 -22.39 -3.67 -6.73
N LYS A 232 -21.78 -2.61 -7.28
CA LYS A 232 -20.65 -2.79 -8.19
C LYS A 232 -19.46 -3.47 -7.48
N SER A 233 -19.20 -3.11 -6.20
CA SER A 233 -18.08 -3.69 -5.47
C SER A 233 -18.30 -5.17 -5.16
N ALA A 234 -19.55 -5.55 -4.83
CA ALA A 234 -19.84 -6.96 -4.50
C ALA A 234 -19.53 -7.86 -5.73
N TYR A 235 -19.85 -7.36 -6.94
CA TYR A 235 -19.62 -8.11 -8.17
C TYR A 235 -18.12 -8.10 -8.47
N GLU A 236 -17.49 -6.93 -8.40
CA GLU A 236 -16.06 -6.81 -8.76
C GLU A 236 -15.16 -7.74 -7.99
N PHE A 237 -15.48 -7.88 -6.68
CA PHE A 237 -14.63 -8.63 -5.77
C PHE A 237 -15.20 -10.00 -5.43
N SER A 238 -16.10 -10.54 -6.27
CA SER A 238 -16.74 -11.84 -5.96
C SER A 238 -15.77 -13.03 -5.89
N GLU A 239 -14.59 -12.92 -6.51
CA GLU A 239 -13.61 -14.02 -6.48
C GLU A 239 -12.81 -14.03 -5.14
N THR A 240 -13.07 -13.10 -4.20
CA THR A 240 -12.31 -13.03 -2.95
C THR A 240 -12.21 -14.36 -2.19
N GLU A 241 -13.37 -15.04 -1.91
CA GLU A 241 -13.27 -16.32 -1.16
C GLU A 241 -12.41 -17.34 -1.87
N SER A 242 -12.52 -17.45 -3.20
CA SER A 242 -11.70 -18.42 -3.92
CA SER A 242 -11.70 -18.39 -3.97
C SER A 242 -10.22 -18.09 -3.79
N MET A 243 -9.87 -16.81 -3.77
CA MET A 243 -8.47 -16.41 -3.62
C MET A 243 -7.97 -16.68 -2.20
N LEU A 244 -8.84 -16.48 -1.20
CA LEU A 244 -8.46 -16.76 0.19
C LEU A 244 -8.19 -18.27 0.35
N LYS A 245 -9.03 -19.12 -0.28
CA LYS A 245 -8.82 -20.58 -0.17
C LYS A 245 -7.46 -20.98 -0.79
N ILE A 246 -7.11 -20.39 -1.95
CA ILE A 246 -5.83 -20.72 -2.59
C ILE A 246 -4.68 -20.20 -1.72
N ALA A 247 -4.83 -18.98 -1.17
CA ALA A 247 -3.76 -18.42 -0.33
C ALA A 247 -3.54 -19.27 0.92
N GLU A 248 -4.62 -19.81 1.52
CA GLU A 248 -4.47 -20.70 2.70
C GLU A 248 -3.73 -21.97 2.30
N ASP A 249 -3.97 -22.47 1.07
CA ASP A 249 -3.26 -23.66 0.61
C ASP A 249 -1.76 -23.35 0.46
N LEU A 250 -1.42 -22.15 -0.01
CA LEU A 250 -0.02 -21.79 -0.20
C LEU A 250 0.71 -21.35 1.09
N GLY A 251 0.01 -20.62 1.95
CA GLY A 251 0.65 -20.04 3.14
C GLY A 251 0.34 -20.65 4.48
N GLY A 252 -0.67 -21.50 4.54
CA GLY A 252 -1.10 -22.07 5.80
C GLY A 252 -2.35 -21.35 6.29
N PRO A 253 -2.79 -21.69 7.50
CA PRO A 253 -4.04 -21.11 8.00
C PRO A 253 -4.15 -19.60 7.97
N TYR A 254 -5.33 -19.10 7.61
CA TYR A 254 -5.66 -17.69 7.67
C TYR A 254 -6.03 -17.46 9.17
N VAL A 255 -5.24 -16.67 9.91
CA VAL A 255 -5.44 -16.55 11.36
C VAL A 255 -6.26 -15.36 11.82
N TRP A 256 -6.68 -14.51 10.88
CA TRP A 256 -7.27 -13.22 11.23
C TRP A 256 -8.77 -13.18 11.47
N GLY A 257 -9.44 -14.30 11.24
CA GLY A 257 -10.88 -14.38 11.44
C GLY A 257 -11.61 -13.95 10.18
N GLN A 258 -11.84 -12.67 10.08
CA GLN A 258 -12.58 -12.11 8.95
C GLN A 258 -11.64 -11.62 7.86
N TYR A 259 -12.13 -11.57 6.61
CA TYR A 259 -11.40 -10.89 5.55
C TYR A 259 -12.41 -9.95 4.89
N ASP A 260 -12.59 -8.72 5.40
CA ASP A 260 -13.52 -7.78 4.80
C ASP A 260 -12.78 -6.86 3.84
N LEU A 261 -13.54 -6.20 2.95
CA LEU A 261 -12.98 -5.23 2.02
C LEU A 261 -13.71 -3.92 2.24
N LEU A 262 -12.98 -2.82 2.19
CA LEU A 262 -13.55 -1.46 2.25
C LEU A 262 -13.14 -0.78 0.94
N VAL A 263 -14.11 -0.25 0.20
CA VAL A 263 -13.84 0.47 -1.05
C VAL A 263 -13.93 1.93 -0.68
N LEU A 264 -12.75 2.60 -0.66
CA LEU A 264 -12.63 3.99 -0.19
C LEU A 264 -13.09 5.01 -1.24
N PRO A 265 -13.20 6.31 -0.86
CA PRO A 265 -13.47 7.34 -1.87
C PRO A 265 -12.26 7.42 -2.83
N PRO A 266 -12.39 8.15 -3.94
CA PRO A 266 -11.34 8.12 -4.99
C PRO A 266 -10.00 8.68 -4.58
N SER A 267 -9.92 9.51 -3.50
CA SER A 267 -8.62 10.03 -3.09
C SER A 267 -7.76 9.04 -2.33
N PHE A 268 -8.22 7.77 -2.12
CA PHE A 268 -7.36 6.80 -1.42
C PHE A 268 -5.99 6.66 -2.17
N PRO A 269 -4.84 6.93 -1.50
CA PRO A 269 -3.58 7.07 -2.27
C PRO A 269 -2.97 5.81 -2.86
N TYR A 270 -3.38 4.64 -2.38
CA TYR A 270 -2.79 3.39 -2.87
C TYR A 270 -3.81 2.49 -3.57
N GLY A 271 -3.33 1.46 -4.27
CA GLY A 271 -4.27 0.51 -4.87
C GLY A 271 -4.99 -0.30 -3.78
N GLY A 272 -4.23 -0.70 -2.78
CA GLY A 272 -4.77 -1.45 -1.65
C GLY A 272 -3.86 -1.29 -0.45
N MET A 273 -4.43 -1.48 0.71
CA MET A 273 -3.68 -1.47 1.95
C MET A 273 -4.20 -2.65 2.77
N GLU A 274 -3.27 -3.54 3.10
CA GLU A 274 -3.51 -4.82 3.74
C GLU A 274 -3.87 -4.71 5.23
N ASN A 275 -4.71 -3.75 5.60
CA ASN A 275 -5.09 -3.61 7.04
C ASN A 275 -5.75 -4.90 7.53
N PRO A 276 -5.30 -5.48 8.64
CA PRO A 276 -5.80 -6.81 9.04
C PRO A 276 -7.28 -6.81 9.33
N CYS A 277 -7.97 -7.81 8.80
CA CYS A 277 -9.43 -7.97 8.91
C CYS A 277 -10.18 -7.07 7.97
N LEU A 278 -9.56 -6.03 7.39
CA LEU A 278 -10.28 -5.06 6.58
C LEU A 278 -9.34 -4.42 5.57
N THR A 279 -9.14 -5.10 4.43
CA THR A 279 -8.28 -4.52 3.38
C THR A 279 -8.97 -3.28 2.83
N PHE A 280 -8.22 -2.20 2.62
CA PHE A 280 -8.74 -0.96 2.04
C PHE A 280 -8.36 -1.00 0.54
N VAL A 281 -9.28 -0.64 -0.35
CA VAL A 281 -8.95 -0.62 -1.79
C VAL A 281 -9.44 0.66 -2.46
N THR A 282 -8.73 1.05 -3.52
CA THR A 282 -9.11 2.22 -4.34
C THR A 282 -10.37 1.86 -5.14
N PRO A 283 -11.29 2.81 -5.35
CA PRO A 283 -12.45 2.53 -6.23
C PRO A 283 -12.04 2.47 -7.71
N THR A 284 -10.76 2.81 -8.04
CA THR A 284 -10.29 2.66 -9.44
C THR A 284 -10.19 1.17 -9.81
N LEU A 285 -10.39 0.21 -8.84
CA LEU A 285 -10.44 -1.20 -9.24
C LEU A 285 -11.80 -1.57 -9.87
N LEU A 286 -12.83 -0.69 -9.77
CA LEU A 286 -14.16 -0.99 -10.23
C LEU A 286 -14.27 -0.88 -11.75
N ALA A 287 -13.60 -1.78 -12.44
CA ALA A 287 -13.60 -1.81 -13.90
C ALA A 287 -14.88 -2.41 -14.52
N GLY A 288 -15.66 -3.15 -13.74
CA GLY A 288 -16.88 -3.78 -14.21
C GLY A 288 -16.72 -5.22 -14.69
N ASP A 289 -15.48 -5.75 -14.76
CA ASP A 289 -15.26 -7.10 -15.27
C ASP A 289 -14.29 -7.96 -14.43
N LYS A 290 -13.94 -7.47 -13.22
CA LYS A 290 -13.04 -8.18 -12.29
C LYS A 290 -11.60 -8.23 -12.79
N SER A 291 -11.27 -7.50 -13.88
CA SER A 291 -9.92 -7.59 -14.47
C SER A 291 -8.81 -7.07 -13.58
N LEU A 292 -9.14 -6.21 -12.60
CA LEU A 292 -8.09 -5.67 -11.71
C LEU A 292 -8.05 -6.39 -10.34
N SER A 293 -8.58 -7.63 -10.30
CA SER A 293 -8.66 -8.41 -9.06
C SER A 293 -7.29 -8.87 -8.53
N ASN A 294 -6.19 -8.72 -9.32
CA ASN A 294 -4.87 -9.10 -8.80
C ASN A 294 -4.52 -8.26 -7.56
N VAL A 295 -5.08 -7.03 -7.45
CA VAL A 295 -4.81 -6.20 -6.27
C VAL A 295 -5.41 -6.86 -5.03
N ILE A 296 -6.59 -7.49 -5.17
CA ILE A 296 -7.19 -8.21 -4.03
C ILE A 296 -6.33 -9.43 -3.70
N ALA A 297 -5.84 -10.16 -4.73
CA ALA A 297 -4.98 -11.31 -4.47
C ALA A 297 -3.71 -10.87 -3.71
N HIS A 298 -3.20 -9.68 -4.05
CA HIS A 298 -2.02 -9.09 -3.42
C HIS A 298 -2.33 -8.77 -1.97
N GLU A 299 -3.45 -8.03 -1.71
CA GLU A 299 -3.74 -7.70 -0.30
C GLU A 299 -4.06 -8.93 0.54
N ILE A 300 -4.73 -9.93 -0.08
CA ILE A 300 -4.99 -11.20 0.64
C ILE A 300 -3.62 -11.83 1.05
N SER A 301 -2.68 -11.88 0.08
CA SER A 301 -1.36 -12.52 0.31
C SER A 301 -0.63 -11.87 1.50
N HIS A 302 -0.83 -10.55 1.72
CA HIS A 302 -0.16 -9.87 2.85
C HIS A 302 -0.61 -10.45 4.20
N SER A 303 -1.75 -11.16 4.22
CA SER A 303 -2.20 -11.78 5.48
C SER A 303 -1.17 -12.80 6.01
N TRP A 304 -0.18 -13.20 5.15
CA TRP A 304 0.91 -14.07 5.51
C TRP A 304 2.20 -13.25 5.41
N THR A 305 2.52 -12.78 4.21
CA THR A 305 3.76 -12.06 3.98
C THR A 305 3.56 -10.55 4.16
N GLY A 306 3.93 -10.06 5.31
CA GLY A 306 3.82 -8.67 5.70
C GLY A 306 3.14 -8.58 7.06
N ASN A 307 1.92 -9.17 7.16
CA ASN A 307 1.16 -9.08 8.41
C ASN A 307 1.52 -10.12 9.46
N LEU A 308 1.91 -11.32 9.03
CA LEU A 308 2.34 -12.37 9.94
C LEU A 308 3.87 -12.32 10.03
N VAL A 309 4.56 -12.39 8.87
CA VAL A 309 6.02 -12.25 8.87
C VAL A 309 6.21 -10.78 8.46
N THR A 310 6.87 -9.96 9.29
CA THR A 310 6.96 -8.52 8.97
C THR A 310 8.39 -8.02 8.87
N ASN A 311 8.66 -7.01 8.02
CA ASN A 311 10.00 -6.45 7.93
C ASN A 311 10.36 -5.79 9.27
N LYS A 312 11.58 -6.04 9.80
CA LYS A 312 12.01 -5.47 11.08
C LYS A 312 12.20 -3.96 11.01
N THR A 313 12.70 -3.48 9.88
CA THR A 313 12.80 -2.03 9.66
C THR A 313 12.37 -1.79 8.20
N TRP A 314 12.14 -0.53 7.85
CA TRP A 314 11.75 -0.20 6.49
C TRP A 314 12.88 -0.41 5.49
N ASP A 315 14.15 -0.55 5.94
CA ASP A 315 15.20 -0.87 4.97
C ASP A 315 14.96 -2.27 4.35
N HIS A 316 14.17 -3.14 5.02
CA HIS A 316 13.92 -4.51 4.57
C HIS A 316 12.50 -4.70 3.99
N PHE A 317 11.89 -3.58 3.54
CA PHE A 317 10.55 -3.56 2.97
C PHE A 317 10.37 -4.55 1.86
N TRP A 318 11.42 -4.84 1.07
CA TRP A 318 11.28 -5.82 -0.02
C TRP A 318 10.81 -7.18 0.49
N LEU A 319 11.16 -7.54 1.75
CA LEU A 319 10.67 -8.85 2.28
C LEU A 319 9.14 -8.90 2.26
N ASN A 320 8.49 -7.78 2.65
CA ASN A 320 7.05 -7.71 2.64
C ASN A 320 6.52 -7.78 1.22
N GLU A 321 7.03 -6.93 0.32
CA GLU A 321 6.38 -6.84 -1.01
C GLU A 321 6.80 -7.88 -1.99
N GLY A 322 8.09 -8.23 -2.02
CA GLY A 322 8.56 -9.27 -2.93
C GLY A 322 7.83 -10.61 -2.75
N HIS A 323 7.76 -11.06 -1.49
CA HIS A 323 7.09 -12.34 -1.21
C HIS A 323 5.60 -12.24 -1.47
N THR A 324 5.01 -11.04 -1.23
CA THR A 324 3.58 -10.88 -1.48
C THR A 324 3.28 -10.92 -2.98
N VAL A 325 4.12 -10.28 -3.82
CA VAL A 325 3.91 -10.35 -5.27
C VAL A 325 4.08 -11.81 -5.76
N TYR A 326 5.05 -12.52 -5.16
CA TYR A 326 5.27 -13.91 -5.50
C TYR A 326 4.02 -14.77 -5.19
N LEU A 327 3.41 -14.58 -4.01
CA LEU A 327 2.19 -15.33 -3.65
C LEU A 327 1.02 -14.87 -4.51
N GLU A 328 0.88 -13.54 -4.74
CA GLU A 328 -0.17 -12.98 -5.59
C GLU A 328 -0.16 -13.64 -6.97
N ARG A 329 1.04 -13.75 -7.58
CA ARG A 329 1.15 -14.32 -8.93
C ARG A 329 0.87 -15.82 -8.95
N HIS A 330 1.15 -16.54 -7.83
CA HIS A 330 0.75 -17.94 -7.73
C HIS A 330 -0.78 -18.07 -7.61
N ILE A 331 -1.46 -17.15 -6.89
CA ILE A 331 -2.93 -17.19 -6.81
C ILE A 331 -3.53 -17.02 -8.21
N CYS A 332 -3.07 -15.99 -8.92
CA CYS A 332 -3.60 -15.75 -10.26
C CYS A 332 -3.21 -16.89 -11.24
N GLY A 333 -2.05 -17.53 -11.04
CA GLY A 333 -1.61 -18.68 -11.82
C GLY A 333 -2.50 -19.90 -11.54
N ARG A 334 -2.95 -20.08 -10.29
CA ARG A 334 -3.85 -21.19 -9.97
C ARG A 334 -5.21 -20.95 -10.62
N LEU A 335 -5.70 -19.71 -10.59
CA LEU A 335 -7.00 -19.38 -11.17
C LEU A 335 -7.02 -19.33 -12.66
N PHE A 336 -5.92 -18.88 -13.29
CA PHE A 336 -5.95 -18.68 -14.75
C PHE A 336 -4.88 -19.38 -15.55
N GLY A 337 -4.00 -20.12 -14.90
CA GLY A 337 -2.99 -20.91 -15.58
C GLY A 337 -1.58 -20.38 -15.48
N GLU A 338 -0.65 -21.30 -15.64
CA GLU A 338 0.78 -21.02 -15.52
C GLU A 338 1.27 -20.04 -16.62
N LYS A 339 0.70 -20.11 -17.84
CA LYS A 339 1.04 -19.14 -18.90
C LYS A 339 0.66 -17.68 -18.46
N PHE A 340 -0.44 -17.56 -17.69
CA PHE A 340 -0.88 -16.26 -17.17
C PHE A 340 0.09 -15.80 -16.08
N ARG A 341 0.54 -16.71 -15.20
CA ARG A 341 1.54 -16.32 -14.18
C ARG A 341 2.80 -15.75 -14.82
N HIS A 342 3.30 -16.40 -15.87
CA HIS A 342 4.49 -15.93 -16.58
C HIS A 342 4.24 -14.60 -17.29
N PHE A 343 3.03 -14.41 -17.84
CA PHE A 343 2.69 -13.14 -18.51
C PHE A 343 2.76 -12.00 -17.49
N ASN A 344 2.18 -12.23 -16.28
CA ASN A 344 2.20 -11.19 -15.25
C ASN A 344 3.59 -10.97 -14.72
N ALA A 345 4.39 -12.04 -14.60
CA ALA A 345 5.77 -11.94 -14.13
C ALA A 345 6.59 -11.11 -15.12
N LEU A 346 6.40 -11.35 -16.42
CA LEU A 346 7.15 -10.63 -17.45
C LEU A 346 6.75 -9.15 -17.48
N GLY A 347 5.46 -8.89 -17.26
CA GLY A 347 4.95 -7.51 -17.14
C GLY A 347 5.62 -6.79 -15.99
N GLY A 348 5.80 -7.51 -14.87
CA GLY A 348 6.47 -6.97 -13.70
C GLY A 348 7.92 -6.60 -13.98
N TRP A 349 8.62 -7.41 -14.78
CA TRP A 349 9.99 -7.09 -15.19
C TRP A 349 10.02 -5.77 -15.97
N GLY A 350 9.02 -5.55 -16.83
CA GLY A 350 8.90 -4.31 -17.60
C GLY A 350 8.66 -3.12 -16.69
N GLU A 351 7.86 -3.29 -15.60
CA GLU A 351 7.66 -2.19 -14.64
C GLU A 351 8.98 -1.90 -13.88
N LEU A 352 9.75 -2.94 -13.58
CA LEU A 352 11.06 -2.78 -12.94
C LEU A 352 12.00 -2.00 -13.89
N GLN A 353 11.97 -2.31 -15.19
CA GLN A 353 12.75 -1.58 -16.21
C GLN A 353 12.39 -0.09 -16.15
N ASN A 354 11.08 0.23 -16.10
CA ASN A 354 10.60 1.61 -16.04
C ASN A 354 11.08 2.32 -14.78
N SER A 355 10.98 1.66 -13.62
CA SER A 355 11.43 2.27 -12.36
C SER A 355 12.93 2.57 -12.38
N VAL A 356 13.74 1.61 -12.86
CA VAL A 356 15.19 1.79 -12.92
C VAL A 356 15.54 2.92 -13.87
N LYS A 357 14.83 3.02 -15.00
CA LYS A 357 15.07 4.08 -15.97
C LYS A 357 14.69 5.43 -15.39
N THR A 358 13.60 5.51 -14.64
CA THR A 358 13.10 6.73 -14.01
C THR A 358 14.07 7.25 -12.91
N PHE A 359 14.47 6.39 -11.99
CA PHE A 359 15.38 6.77 -10.92
C PHE A 359 16.82 7.01 -11.44
N GLY A 360 17.22 6.18 -12.41
CA GLY A 360 18.57 6.11 -12.93
C GLY A 360 19.18 4.82 -12.43
N GLU A 361 19.99 4.16 -13.26
CA GLU A 361 20.53 2.85 -12.94
C GLU A 361 21.51 2.78 -11.74
N THR A 362 22.01 3.93 -11.26
CA THR A 362 22.90 3.94 -10.09
C THR A 362 22.20 4.49 -8.82
N HIS A 363 20.90 4.86 -8.93
CA HIS A 363 20.18 5.46 -7.80
C HIS A 363 20.07 4.52 -6.60
N PRO A 364 20.28 5.06 -5.39
CA PRO A 364 20.21 4.18 -4.19
C PRO A 364 18.87 3.50 -3.98
N PHE A 365 17.76 4.06 -4.47
CA PHE A 365 16.43 3.42 -4.30
C PHE A 365 16.19 2.26 -5.28
N THR A 366 17.14 2.00 -6.22
CA THR A 366 17.03 0.84 -7.11
C THR A 366 17.70 -0.40 -6.48
N LYS A 367 18.33 -0.25 -5.30
CA LYS A 367 18.85 -1.38 -4.53
C LYS A 367 17.65 -2.11 -3.88
N LEU A 368 17.79 -3.41 -3.64
CA LEU A 368 16.70 -4.18 -3.03
C LEU A 368 16.61 -3.86 -1.54
N VAL A 369 17.77 -3.89 -0.85
CA VAL A 369 17.88 -3.48 0.55
C VAL A 369 18.35 -2.04 0.54
N VAL A 370 17.55 -1.15 1.14
CA VAL A 370 17.84 0.27 1.11
C VAL A 370 18.34 0.85 2.45
N ASP A 371 18.80 2.11 2.43
CA ASP A 371 19.22 2.78 3.65
C ASP A 371 18.37 4.04 3.74
N LEU A 372 17.34 4.00 4.58
CA LEU A 372 16.44 5.13 4.73
C LEU A 372 16.85 6.16 5.78
N THR A 373 18.16 6.23 6.15
CA THR A 373 18.62 7.26 7.08
C THR A 373 18.34 8.66 6.48
N ASP A 374 17.56 9.48 7.17
CA ASP A 374 17.22 10.83 6.69
C ASP A 374 16.42 10.84 5.37
N ILE A 375 15.72 9.74 5.03
CA ILE A 375 14.87 9.67 3.84
C ILE A 375 13.43 9.46 4.29
N ASP A 376 12.48 10.26 3.79
CA ASP A 376 11.08 10.07 4.09
C ASP A 376 10.65 8.79 3.32
N PRO A 377 10.16 7.73 4.01
CA PRO A 377 9.75 6.50 3.28
C PRO A 377 8.78 6.77 2.12
N ASP A 378 7.89 7.75 2.29
CA ASP A 378 6.91 8.06 1.23
C ASP A 378 7.58 8.52 -0.07
N VAL A 379 8.72 9.20 0.05
CA VAL A 379 9.49 9.65 -1.11
C VAL A 379 10.23 8.46 -1.77
N ALA A 380 10.62 7.45 -0.98
CA ALA A 380 11.31 6.27 -1.51
C ALA A 380 10.37 5.32 -2.22
N TYR A 381 9.09 5.27 -1.82
CA TYR A 381 8.12 4.33 -2.36
C TYR A 381 8.13 4.21 -3.90
N SER A 382 8.24 2.99 -4.41
CA SER A 382 8.33 2.70 -5.86
C SER A 382 8.04 1.21 -6.11
N SER A 383 8.10 0.80 -7.38
CA SER A 383 7.94 -0.61 -7.75
C SER A 383 9.17 -1.46 -7.50
N VAL A 384 10.32 -0.85 -7.18
CA VAL A 384 11.54 -1.64 -6.99
C VAL A 384 11.40 -2.77 -5.95
N PRO A 385 10.99 -2.51 -4.69
CA PRO A 385 10.92 -3.62 -3.72
C PRO A 385 9.96 -4.71 -4.17
N TYR A 386 8.89 -4.30 -4.87
CA TYR A 386 7.90 -5.25 -5.37
C TYR A 386 8.51 -6.13 -6.47
N GLU A 387 9.05 -5.50 -7.53
CA GLU A 387 9.47 -6.22 -8.74
C GLU A 387 10.89 -6.71 -8.71
N LYS A 388 11.81 -5.96 -8.11
CA LYS A 388 13.16 -6.51 -7.94
C LYS A 388 13.09 -7.67 -6.90
N GLY A 389 12.21 -7.53 -5.89
CA GLY A 389 12.00 -8.58 -4.91
C GLY A 389 11.37 -9.80 -5.57
N PHE A 390 10.35 -9.59 -6.41
CA PHE A 390 9.72 -10.71 -7.10
C PHE A 390 10.71 -11.37 -8.01
N ALA A 391 11.49 -10.57 -8.77
CA ALA A 391 12.46 -11.19 -9.72
C ALA A 391 13.48 -12.07 -9.00
N LEU A 392 13.91 -11.70 -7.79
CA LEU A 392 14.85 -12.52 -7.05
C LEU A 392 14.22 -13.87 -6.68
N LEU A 393 12.98 -13.83 -6.19
CA LEU A 393 12.28 -15.05 -5.80
C LEU A 393 12.00 -15.94 -6.99
N PHE A 394 11.63 -15.32 -8.13
CA PHE A 394 11.33 -16.09 -9.34
C PHE A 394 12.63 -16.71 -9.91
N TYR A 395 13.75 -15.98 -9.84
CA TYR A 395 15.07 -16.51 -10.25
C TYR A 395 15.44 -17.69 -9.32
N LEU A 396 15.21 -17.55 -7.99
CA LEU A 396 15.54 -18.64 -7.05
C LEU A 396 14.64 -19.84 -7.28
N GLU A 397 13.35 -19.61 -7.63
CA GLU A 397 12.40 -20.68 -7.93
C GLU A 397 12.96 -21.50 -9.11
N GLN A 398 13.44 -20.81 -10.14
CA GLN A 398 14.00 -21.50 -11.32
C GLN A 398 15.28 -22.23 -11.02
N LEU A 399 16.12 -21.61 -10.23
CA LEU A 399 17.40 -22.20 -9.85
C LEU A 399 17.27 -23.43 -8.95
N LEU A 400 16.28 -23.41 -8.06
CA LEU A 400 16.13 -24.44 -7.04
C LEU A 400 15.18 -25.59 -7.39
N GLY A 401 14.65 -25.65 -8.61
CA GLY A 401 13.85 -26.82 -9.01
C GLY A 401 12.40 -26.60 -9.39
N GLY A 402 11.95 -25.35 -9.35
CA GLY A 402 10.58 -25.05 -9.79
C GLY A 402 9.61 -24.56 -8.75
N PRO A 403 8.40 -24.22 -9.22
CA PRO A 403 7.39 -23.61 -8.32
C PRO A 403 6.92 -24.48 -7.18
N GLU A 404 6.73 -25.79 -7.39
CA GLU A 404 6.30 -26.67 -6.31
C GLU A 404 7.32 -26.69 -5.17
N ILE A 405 8.60 -26.80 -5.52
CA ILE A 405 9.68 -26.82 -4.54
C ILE A 405 9.78 -25.47 -3.82
N PHE A 406 9.71 -24.37 -4.57
CA PHE A 406 9.85 -23.04 -3.98
C PHE A 406 8.66 -22.68 -3.10
N LEU A 407 7.46 -23.18 -3.46
CA LEU A 407 6.26 -22.95 -2.62
C LEU A 407 6.40 -23.71 -1.27
N GLY A 408 7.14 -24.83 -1.23
CA GLY A 408 7.41 -25.51 0.03
C GLY A 408 8.25 -24.61 0.93
N PHE A 409 9.24 -23.92 0.34
CA PHE A 409 10.06 -22.97 1.09
C PHE A 409 9.19 -21.82 1.60
N LEU A 410 8.33 -21.27 0.74
CA LEU A 410 7.51 -20.13 1.14
C LEU A 410 6.62 -20.46 2.36
N LYS A 411 6.00 -21.63 2.34
CA LYS A 411 5.12 -22.06 3.43
C LYS A 411 5.95 -22.26 4.70
N ALA A 412 7.15 -22.88 4.56
CA ALA A 412 7.99 -23.11 5.74
C ALA A 412 8.53 -21.79 6.32
N TYR A 413 8.78 -20.80 5.47
CA TYR A 413 9.26 -19.47 5.84
C TYR A 413 8.18 -18.76 6.65
N VAL A 414 6.94 -18.81 6.17
CA VAL A 414 5.83 -18.20 6.89
C VAL A 414 5.65 -18.86 8.27
N GLU A 415 5.75 -20.19 8.34
CA GLU A 415 5.56 -20.90 9.60
C GLU A 415 6.68 -20.53 10.58
N LYS A 416 7.92 -20.45 10.08
CA LYS A 416 9.09 -20.15 10.89
C LYS A 416 9.01 -18.77 11.53
N PHE A 417 8.60 -17.76 10.74
CA PHE A 417 8.66 -16.39 11.22
C PHE A 417 7.32 -15.76 11.51
N SER A 418 6.23 -16.56 11.63
CA SER A 418 4.92 -15.98 11.98
C SER A 418 5.00 -15.25 13.31
N TYR A 419 4.35 -14.06 13.37
CA TYR A 419 4.30 -13.20 14.52
C TYR A 419 5.64 -12.55 14.85
N LYS A 420 6.60 -12.59 13.91
CA LYS A 420 7.91 -12.01 14.13
C LYS A 420 8.21 -10.90 13.15
N SER A 421 9.26 -10.14 13.44
CA SER A 421 9.76 -9.07 12.56
C SER A 421 11.20 -9.44 12.22
N ILE A 422 11.53 -9.51 10.93
CA ILE A 422 12.81 -10.04 10.52
C ILE A 422 13.59 -9.18 9.53
N THR A 423 14.89 -9.48 9.34
CA THR A 423 15.73 -8.76 8.39
C THR A 423 16.02 -9.65 7.13
N THR A 424 16.71 -9.06 6.13
CA THR A 424 17.11 -9.81 4.95
C THR A 424 18.07 -10.95 5.37
N ASP A 425 18.96 -10.70 6.36
CA ASP A 425 19.87 -11.76 6.79
C ASP A 425 19.12 -12.94 7.43
N ASP A 426 18.02 -12.67 8.16
CA ASP A 426 17.20 -13.74 8.75
C ASP A 426 16.58 -14.55 7.61
N TRP A 427 16.05 -13.86 6.58
CA TRP A 427 15.45 -14.56 5.43
C TRP A 427 16.51 -15.44 4.72
N LYS A 428 17.69 -14.87 4.43
CA LYS A 428 18.75 -15.58 3.71
C LYS A 428 19.26 -16.78 4.48
N ASP A 429 19.40 -16.63 5.78
CA ASP A 429 19.88 -17.71 6.65
C ASP A 429 18.86 -18.87 6.61
N PHE A 430 17.54 -18.54 6.64
CA PHE A 430 16.52 -19.57 6.58
C PHE A 430 16.47 -20.21 5.19
N LEU A 431 16.66 -19.43 4.12
CA LEU A 431 16.69 -19.97 2.76
C LEU A 431 17.83 -21.01 2.65
N TYR A 432 19.03 -20.66 3.18
CA TYR A 432 20.17 -21.59 3.19
C TYR A 432 19.92 -22.83 4.03
N SER A 433 19.24 -22.68 5.17
CA SER A 433 18.89 -23.80 6.05
C SER A 433 17.89 -24.75 5.37
N TYR A 434 16.81 -24.19 4.80
CA TYR A 434 15.80 -24.98 4.14
C TYR A 434 16.40 -25.71 2.92
N PHE A 435 17.23 -25.00 2.13
CA PHE A 435 17.83 -25.58 0.94
C PHE A 435 19.26 -26.07 1.22
N LYS A 436 19.50 -26.64 2.39
CA LYS A 436 20.84 -27.14 2.76
C LYS A 436 21.42 -28.11 1.74
N ASP A 437 20.59 -28.93 1.09
CA ASP A 437 21.09 -29.87 0.07
C ASP A 437 21.37 -29.24 -1.31
N LYS A 438 21.06 -27.94 -1.46
CA LYS A 438 21.28 -27.16 -2.68
C LYS A 438 22.14 -25.90 -2.40
N VAL A 439 22.96 -25.92 -1.34
CA VAL A 439 23.81 -24.78 -0.97
C VAL A 439 24.82 -24.45 -2.09
N ASP A 440 25.25 -25.45 -2.89
CA ASP A 440 26.17 -25.21 -4.01
C ASP A 440 25.49 -24.33 -5.06
N VAL A 441 24.19 -24.57 -5.31
CA VAL A 441 23.38 -23.78 -6.21
C VAL A 441 23.18 -22.37 -5.64
N LEU A 442 22.86 -22.26 -4.33
CA LEU A 442 22.67 -20.95 -3.70
C LEU A 442 23.96 -20.13 -3.73
N ASN A 443 25.13 -20.77 -3.58
CA ASN A 443 26.41 -20.05 -3.62
C ASN A 443 26.78 -19.53 -5.01
N GLN A 444 26.07 -19.97 -6.06
CA GLN A 444 26.29 -19.42 -7.39
C GLN A 444 25.57 -18.04 -7.53
N VAL A 445 24.59 -17.71 -6.65
CA VAL A 445 23.88 -16.44 -6.70
C VAL A 445 24.81 -15.29 -6.35
N ASP A 446 24.76 -14.19 -7.13
CA ASP A 446 25.57 -13.02 -6.80
C ASP A 446 24.75 -12.23 -5.75
N TRP A 447 24.84 -12.64 -4.48
CA TRP A 447 24.08 -12.00 -3.41
C TRP A 447 24.34 -10.50 -3.25
N ASN A 448 25.61 -10.10 -3.30
CA ASN A 448 25.95 -8.67 -3.18
C ASN A 448 25.26 -7.83 -4.27
N ALA A 449 25.23 -8.32 -5.51
CA ALA A 449 24.56 -7.57 -6.57
C ALA A 449 23.03 -7.58 -6.39
N TRP A 450 22.44 -8.74 -6.14
CA TRP A 450 20.98 -8.84 -6.00
C TRP A 450 20.46 -8.01 -4.83
N LEU A 451 21.11 -8.08 -3.68
CA LEU A 451 20.61 -7.38 -2.49
C LEU A 451 21.02 -5.95 -2.34
N TYR A 452 22.31 -5.63 -2.67
CA TYR A 452 22.90 -4.34 -2.34
C TYR A 452 23.33 -3.45 -3.48
N SER A 453 23.26 -3.91 -4.74
CA SER A 453 23.68 -3.08 -5.87
C SER A 453 22.51 -2.41 -6.58
N PRO A 454 22.70 -1.18 -7.08
CA PRO A 454 21.62 -0.53 -7.83
C PRO A 454 21.44 -1.12 -9.25
N GLY A 455 20.39 -0.68 -9.93
CA GLY A 455 20.11 -1.06 -11.31
C GLY A 455 19.29 -2.31 -11.49
N LEU A 456 19.21 -2.79 -12.74
CA LEU A 456 18.50 -4.02 -13.03
C LEU A 456 19.28 -5.19 -12.37
N PRO A 457 18.60 -6.25 -11.96
CA PRO A 457 19.31 -7.39 -11.36
C PRO A 457 20.36 -7.99 -12.32
N PRO A 458 21.34 -8.74 -11.80
CA PRO A 458 22.41 -9.26 -12.69
C PRO A 458 21.99 -10.35 -13.66
N ILE A 459 20.87 -11.01 -13.41
CA ILE A 459 20.34 -12.08 -14.24
C ILE A 459 18.84 -11.89 -14.39
N LYS A 460 18.33 -12.07 -15.59
CA LYS A 460 16.92 -12.00 -15.85
C LYS A 460 16.38 -13.44 -15.87
N PRO A 461 15.31 -13.70 -15.12
CA PRO A 461 14.70 -15.04 -15.13
C PRO A 461 14.18 -15.46 -16.53
N ASN A 462 13.77 -16.73 -16.68
CA ASN A 462 13.20 -17.25 -17.92
C ASN A 462 11.68 -17.07 -17.89
N TYR A 463 11.11 -16.49 -18.94
CA TYR A 463 9.68 -16.27 -18.96
C TYR A 463 9.07 -16.87 -20.19
N ASP A 464 7.96 -17.60 -20.01
CA ASP A 464 7.13 -18.10 -21.09
C ASP A 464 6.54 -16.85 -21.77
N MET A 465 6.59 -16.82 -23.10
CA MET A 465 6.16 -15.64 -23.86
C MET A 465 4.80 -15.77 -24.53
N THR A 466 4.13 -16.93 -24.39
CA THR A 466 2.88 -17.21 -25.12
C THR A 466 1.88 -16.05 -25.18
N LEU A 467 1.51 -15.49 -24.01
CA LEU A 467 0.51 -14.44 -23.98
C LEU A 467 1.09 -13.06 -24.30
N THR A 468 2.39 -12.88 -24.18
CA THR A 468 3.03 -11.59 -24.42
C THR A 468 3.31 -11.36 -25.92
N ASN A 469 3.57 -12.43 -26.68
CA ASN A 469 3.91 -12.30 -28.10
C ASN A 469 3.00 -11.38 -28.91
N ALA A 470 1.67 -11.54 -28.80
CA ALA A 470 0.73 -10.70 -29.58
C ALA A 470 0.83 -9.23 -29.19
N CYS A 471 1.13 -8.96 -27.90
CA CYS A 471 1.30 -7.58 -27.41
C CYS A 471 2.53 -6.96 -28.02
N ILE A 472 3.64 -7.68 -28.00
CA ILE A 472 4.90 -7.18 -28.56
C ILE A 472 4.75 -6.98 -30.06
N ALA A 473 4.14 -7.96 -30.74
CA ALA A 473 3.98 -7.84 -32.20
C ALA A 473 3.15 -6.62 -32.59
N LEU A 474 2.03 -6.37 -31.89
CA LEU A 474 1.21 -5.20 -32.24
C LEU A 474 1.94 -3.86 -31.91
N SER A 475 2.62 -3.80 -30.77
CA SER A 475 3.39 -2.63 -30.37
C SER A 475 4.49 -2.32 -31.43
N GLN A 476 5.21 -3.36 -31.88
CA GLN A 476 6.25 -3.19 -32.89
C GLN A 476 5.70 -2.77 -34.24
N ARG A 477 4.48 -3.22 -34.58
CA ARG A 477 3.84 -2.78 -35.84
C ARG A 477 3.62 -1.27 -35.78
N TRP A 478 3.13 -0.77 -34.66
CA TRP A 478 2.86 0.66 -34.52
C TRP A 478 4.15 1.46 -34.50
N ILE A 479 5.15 1.00 -33.74
CA ILE A 479 6.41 1.73 -33.64
C ILE A 479 7.12 1.81 -34.96
N THR A 480 7.10 0.71 -35.73
CA THR A 480 7.79 0.69 -37.02
C THR A 480 6.96 1.25 -38.17
N ALA A 481 5.66 1.52 -37.95
CA ALA A 481 4.82 2.07 -39.01
C ALA A 481 5.24 3.44 -39.47
N LYS A 482 5.10 3.67 -40.77
CA LYS A 482 5.30 5.00 -41.34
C LYS A 482 3.87 5.49 -41.68
N GLU A 483 3.76 6.76 -42.10
CA GLU A 483 2.44 7.31 -42.43
C GLU A 483 1.62 6.41 -43.38
N ASP A 484 2.29 5.85 -44.41
CA ASP A 484 1.57 5.04 -45.41
C ASP A 484 1.11 3.65 -44.87
N ASP A 485 1.53 3.30 -43.65
CA ASP A 485 1.10 2.05 -43.02
C ASP A 485 -0.09 2.23 -42.07
N LEU A 486 -0.41 3.48 -41.71
CA LEU A 486 -1.47 3.71 -40.73
C LEU A 486 -2.83 3.21 -41.16
N ASN A 487 -3.10 3.21 -42.47
CA ASN A 487 -4.39 2.73 -42.95
C ASN A 487 -4.58 1.22 -42.73
N SER A 488 -3.49 0.47 -42.52
CA SER A 488 -3.56 -0.97 -42.31
C SER A 488 -4.12 -1.32 -40.93
N PHE A 489 -4.05 -0.41 -39.93
CA PHE A 489 -4.56 -0.73 -38.61
C PHE A 489 -6.09 -0.66 -38.60
N ASN A 490 -6.73 -1.47 -37.75
CA ASN A 490 -8.19 -1.55 -37.72
C ASN A 490 -8.62 -2.17 -36.40
N ALA A 491 -9.88 -1.96 -35.98
CA ALA A 491 -10.40 -2.53 -34.71
C ALA A 491 -10.17 -4.03 -34.58
N THR A 492 -10.13 -4.75 -35.72
CA THR A 492 -9.90 -6.19 -35.68
C THR A 492 -8.55 -6.57 -35.10
N ASP A 493 -7.56 -5.64 -35.09
CA ASP A 493 -6.26 -5.94 -34.47
C ASP A 493 -6.41 -6.36 -33.00
N LEU A 494 -7.43 -5.86 -32.32
CA LEU A 494 -7.60 -6.13 -30.90
C LEU A 494 -8.58 -7.28 -30.58
N LYS A 495 -9.19 -7.89 -31.59
CA LYS A 495 -10.26 -8.86 -31.34
C LYS A 495 -9.86 -10.05 -30.47
N ASP A 496 -8.61 -10.52 -30.52
CA ASP A 496 -8.21 -11.67 -29.71
C ASP A 496 -7.34 -11.28 -28.50
N LEU A 497 -7.39 -10.02 -28.08
CA LEU A 497 -6.60 -9.57 -26.93
C LEU A 497 -7.50 -9.42 -25.71
N SER A 498 -7.08 -9.95 -24.57
CA SER A 498 -7.81 -9.73 -23.32
C SER A 498 -7.51 -8.28 -22.85
N SER A 499 -8.23 -7.78 -21.81
CA SER A 499 -7.93 -6.45 -21.27
C SER A 499 -6.48 -6.39 -20.75
N HIS A 500 -5.99 -7.51 -20.19
CA HIS A 500 -4.61 -7.61 -19.72
C HIS A 500 -3.63 -7.43 -20.87
N GLN A 501 -3.93 -8.05 -22.02
CA GLN A 501 -3.08 -7.93 -23.19
C GLN A 501 -3.17 -6.54 -23.80
N LEU A 502 -4.33 -5.88 -23.77
CA LEU A 502 -4.44 -4.49 -24.26
C LEU A 502 -3.55 -3.60 -23.38
N ASN A 503 -3.61 -3.81 -22.07
CA ASN A 503 -2.79 -3.04 -21.13
C ASN A 503 -1.29 -3.28 -21.41
N GLU A 504 -0.90 -4.54 -21.67
CA GLU A 504 0.49 -4.84 -21.97
C GLU A 504 0.93 -4.24 -23.31
N PHE A 505 0.04 -4.23 -24.32
CA PHE A 505 0.35 -3.58 -25.61
C PHE A 505 0.63 -2.06 -25.35
N LEU A 506 -0.21 -1.43 -24.54
CA LEU A 506 0.00 -0.01 -24.22
C LEU A 506 1.29 0.20 -23.42
N ALA A 507 1.63 -0.71 -22.46
CA ALA A 507 2.84 -0.55 -21.67
C ALA A 507 4.07 -0.69 -22.57
N GLN A 508 4.05 -1.65 -23.49
CA GLN A 508 5.18 -1.86 -24.42
C GLN A 508 5.36 -0.61 -25.29
N THR A 509 4.26 -0.05 -25.76
CA THR A 509 4.31 1.13 -26.62
C THR A 509 4.76 2.38 -25.87
N LEU A 510 4.28 2.53 -24.64
CA LEU A 510 4.63 3.66 -23.80
C LEU A 510 6.14 3.64 -23.47
N GLN A 511 6.76 2.45 -23.41
CA GLN A 511 8.21 2.36 -23.17
C GLN A 511 9.02 3.04 -24.32
N ARG A 512 8.40 3.19 -25.51
CA ARG A 512 9.06 3.84 -26.65
C ARG A 512 8.50 5.22 -26.99
N ALA A 513 7.67 5.77 -26.09
CA ALA A 513 7.06 7.07 -26.33
C ALA A 513 8.15 8.17 -26.27
N PRO A 514 7.94 9.25 -27.03
CA PRO A 514 6.77 9.52 -27.87
C PRO A 514 6.74 8.78 -29.18
N LEU A 515 5.52 8.63 -29.70
CA LEU A 515 5.29 8.18 -31.06
C LEU A 515 4.81 9.43 -31.83
N PRO A 516 4.84 9.42 -33.19
CA PRO A 516 4.36 10.59 -33.93
C PRO A 516 2.90 10.88 -33.60
N LEU A 517 2.52 12.17 -33.60
CA LEU A 517 1.15 12.56 -33.28
C LEU A 517 0.13 11.88 -34.20
N GLY A 518 0.45 11.77 -35.49
CA GLY A 518 -0.44 11.10 -36.45
C GLY A 518 -0.73 9.65 -36.08
N HIS A 519 0.28 8.96 -35.54
CA HIS A 519 0.09 7.58 -35.08
C HIS A 519 -0.92 7.52 -33.92
N ILE A 520 -0.76 8.39 -32.92
CA ILE A 520 -1.65 8.40 -31.77
C ILE A 520 -3.09 8.76 -32.20
N LYS A 521 -3.22 9.71 -33.16
CA LYS A 521 -4.55 10.07 -33.66
C LYS A 521 -5.18 8.86 -34.35
N ARG A 522 -4.39 8.12 -35.14
CA ARG A 522 -4.90 6.93 -35.82
C ARG A 522 -5.30 5.84 -34.80
N MET A 523 -4.52 5.68 -33.71
CA MET A 523 -4.86 4.70 -32.67
C MET A 523 -6.24 5.02 -32.08
N GLN A 524 -6.54 6.31 -31.86
CA GLN A 524 -7.86 6.67 -31.32
C GLN A 524 -8.93 6.42 -32.39
N GLU A 525 -8.62 6.74 -33.64
CA GLU A 525 -9.56 6.51 -34.75
C GLU A 525 -10.00 5.04 -34.84
N VAL A 526 -9.04 4.09 -34.78
CA VAL A 526 -9.39 2.70 -35.03
C VAL A 526 -9.66 1.87 -33.78
N TYR A 527 -9.09 2.25 -32.63
CA TYR A 527 -9.27 1.47 -31.43
C TYR A 527 -10.17 2.11 -30.39
N ASN A 528 -10.43 3.44 -30.49
CA ASN A 528 -11.31 4.16 -29.58
C ASN A 528 -10.93 3.94 -28.13
N PHE A 529 -9.64 4.09 -27.83
CA PHE A 529 -9.17 3.93 -26.46
C PHE A 529 -9.77 5.00 -25.52
N ASN A 530 -10.18 6.17 -26.03
CA ASN A 530 -10.81 7.20 -25.15
C ASN A 530 -12.08 6.65 -24.45
N ALA A 531 -12.72 5.62 -25.04
CA ALA A 531 -13.95 5.04 -24.49
C ALA A 531 -13.70 4.07 -23.32
N ILE A 532 -12.47 3.61 -23.12
CA ILE A 532 -12.18 2.59 -22.13
C ILE A 532 -12.10 3.21 -20.72
N ASN A 533 -12.89 2.64 -19.78
CA ASN A 533 -12.90 3.18 -18.41
C ASN A 533 -11.97 2.43 -17.45
N ASN A 534 -11.46 1.24 -17.86
CA ASN A 534 -10.48 0.46 -17.08
C ASN A 534 -9.30 1.41 -16.69
N SER A 535 -9.14 1.67 -15.38
CA SER A 535 -8.18 2.68 -14.93
C SER A 535 -6.75 2.42 -15.39
N GLU A 536 -6.29 1.15 -15.40
CA GLU A 536 -4.91 0.87 -15.83
C GLU A 536 -4.75 1.17 -17.34
N ILE A 537 -5.70 0.71 -18.17
CA ILE A 537 -5.56 0.97 -19.62
C ILE A 537 -5.68 2.48 -19.90
N ARG A 538 -6.68 3.13 -19.26
CA ARG A 538 -6.88 4.56 -19.50
C ARG A 538 -5.64 5.39 -19.08
N PHE A 539 -5.05 5.07 -17.94
CA PHE A 539 -3.84 5.74 -17.47
C PHE A 539 -2.69 5.62 -18.50
N ARG A 540 -2.41 4.37 -18.99
CA ARG A 540 -1.31 4.22 -19.97
C ARG A 540 -1.61 4.91 -21.31
N TRP A 541 -2.87 4.84 -21.76
CA TRP A 541 -3.27 5.50 -23.00
C TRP A 541 -3.13 7.02 -22.87
N LEU A 542 -3.61 7.61 -21.76
CA LEU A 542 -3.47 9.05 -21.58
C LEU A 542 -2.00 9.48 -21.45
N ARG A 543 -1.13 8.68 -20.79
CA ARG A 543 0.30 9.01 -20.71
C ARG A 543 0.88 8.97 -22.14
N LEU A 544 0.51 7.96 -22.93
CA LEU A 544 1.00 7.86 -24.32
C LEU A 544 0.57 9.09 -25.13
N CYS A 545 -0.68 9.54 -24.96
CA CYS A 545 -1.18 10.74 -25.66
C CYS A 545 -0.45 12.01 -25.28
N ILE A 546 -0.28 12.21 -23.97
CA ILE A 546 0.38 13.42 -23.49
C ILE A 546 1.86 13.43 -23.86
N GLN A 547 2.56 12.28 -23.69
CA GLN A 547 3.97 12.23 -24.06
C GLN A 547 4.14 12.41 -25.59
N SER A 548 3.14 12.03 -26.38
CA SER A 548 3.17 12.23 -27.84
C SER A 548 2.61 13.60 -28.28
N LYS A 549 2.33 14.49 -27.29
CA LYS A 549 1.96 15.88 -27.52
C LYS A 549 0.63 16.08 -28.20
N TRP A 550 -0.35 15.26 -27.82
CA TRP A 550 -1.70 15.44 -28.33
C TRP A 550 -2.48 16.38 -27.41
N GLU A 551 -2.71 17.63 -27.87
CA GLU A 551 -3.42 18.60 -27.02
C GLU A 551 -4.83 18.15 -26.61
N ASP A 552 -5.55 17.41 -27.47
CA ASP A 552 -6.90 16.93 -27.18
C ASP A 552 -6.93 16.10 -25.88
N ALA A 553 -5.81 15.43 -25.56
CA ALA A 553 -5.76 14.59 -24.36
C ALA A 553 -5.57 15.37 -23.08
N ILE A 554 -5.18 16.67 -23.16
CA ILE A 554 -4.94 17.47 -21.94
C ILE A 554 -6.14 17.45 -20.98
N PRO A 555 -7.36 17.80 -21.42
CA PRO A 555 -8.49 17.80 -20.46
C PRO A 555 -8.78 16.42 -19.89
N LEU A 556 -8.58 15.37 -20.70
CA LEU A 556 -8.82 13.99 -20.24
C LEU A 556 -7.83 13.64 -19.15
N ALA A 557 -6.55 13.97 -19.38
CA ALA A 557 -5.51 13.64 -18.40
C ALA A 557 -5.68 14.45 -17.12
N LEU A 558 -6.06 15.77 -17.22
CA LEU A 558 -6.26 16.57 -15.99
C LEU A 558 -7.44 16.01 -15.22
N LYS A 559 -8.53 15.61 -15.93
CA LYS A 559 -9.72 15.05 -15.26
C LYS A 559 -9.33 13.74 -14.53
N MET A 560 -8.59 12.83 -15.22
CA MET A 560 -8.21 11.59 -14.51
C MET A 560 -7.31 11.88 -13.31
N ALA A 561 -6.37 12.84 -13.45
CA ALA A 561 -5.44 13.13 -12.37
C ALA A 561 -6.12 13.66 -11.11
N THR A 562 -7.26 14.35 -11.28
CA THR A 562 -7.95 14.99 -10.16
C THR A 562 -9.23 14.31 -9.67
N GLU A 563 -9.94 13.60 -10.54
CA GLU A 563 -11.17 12.90 -10.15
C GLU A 563 -10.90 11.65 -9.28
N GLN A 564 -9.65 11.17 -9.30
CA GLN A 564 -9.18 10.09 -8.41
C GLN A 564 -7.79 10.50 -7.92
N GLY A 565 -7.31 9.85 -6.87
CA GLY A 565 -6.04 10.22 -6.28
C GLY A 565 -5.11 9.07 -6.01
N ARG A 566 -5.29 7.93 -6.72
CA ARG A 566 -4.36 6.81 -6.53
C ARG A 566 -3.00 7.25 -7.09
N MET A 567 -1.97 7.28 -6.21
CA MET A 567 -0.70 7.89 -6.59
C MET A 567 -0.06 7.29 -7.83
N LYS A 568 -0.25 5.98 -8.07
CA LYS A 568 0.26 5.30 -9.26
C LYS A 568 -0.19 6.01 -10.54
N PHE A 569 -1.40 6.61 -10.50
CA PHE A 569 -1.98 7.29 -11.66
C PHE A 569 -1.80 8.81 -11.57
N THR A 570 -2.13 9.39 -10.41
CA THR A 570 -2.08 10.85 -10.28
C THR A 570 -0.68 11.42 -10.45
N ARG A 571 0.33 10.81 -9.80
CA ARG A 571 1.68 11.37 -9.89
C ARG A 571 2.22 11.39 -11.35
N PRO A 572 2.23 10.27 -12.09
CA PRO A 572 2.78 10.32 -13.48
C PRO A 572 1.92 11.17 -14.40
N LEU A 573 0.58 11.23 -14.18
CA LEU A 573 -0.24 12.09 -15.04
C LEU A 573 0.14 13.56 -14.83
N PHE A 574 0.28 13.98 -13.57
CA PHE A 574 0.68 15.38 -13.32
C PHE A 574 2.10 15.64 -13.86
N LYS A 575 3.02 14.67 -13.73
CA LYS A 575 4.39 14.86 -14.23
C LYS A 575 4.43 14.96 -15.74
N ASP A 576 3.65 14.12 -16.42
CA ASP A 576 3.56 14.16 -17.88
C ASP A 576 2.95 15.49 -18.35
N LEU A 577 1.85 15.93 -17.69
CA LEU A 577 1.22 17.21 -18.01
C LEU A 577 2.19 18.40 -17.76
N ALA A 578 3.01 18.33 -16.71
CA ALA A 578 3.98 19.42 -16.44
C ALA A 578 5.08 19.40 -17.51
N ALA A 579 5.44 18.21 -18.04
CA ALA A 579 6.51 18.12 -19.05
C ALA A 579 6.06 18.50 -20.46
N PHE A 580 4.74 18.56 -20.70
CA PHE A 580 4.21 18.95 -22.00
C PHE A 580 4.02 20.49 -21.92
N ASP A 581 4.78 21.26 -22.72
CA ASP A 581 4.71 22.73 -22.70
C ASP A 581 3.28 23.26 -22.82
N LYS A 582 2.43 22.61 -23.65
CA LYS A 582 1.05 23.07 -23.82
C LYS A 582 0.19 22.95 -22.57
N SER A 583 0.50 21.98 -21.70
CA SER A 583 -0.30 21.80 -20.47
C SER A 583 0.38 22.19 -19.17
N HIS A 584 1.68 22.59 -19.23
CA HIS A 584 2.48 22.91 -18.06
C HIS A 584 1.76 23.84 -17.07
N ASP A 585 1.32 25.02 -17.54
CA ASP A 585 0.66 25.98 -16.65
C ASP A 585 -0.62 25.43 -16.06
N GLN A 586 -1.43 24.74 -16.88
CA GLN A 586 -2.69 24.13 -16.43
C GLN A 586 -2.44 23.08 -15.36
N ALA A 587 -1.36 22.30 -15.50
CA ALA A 587 -1.06 21.26 -14.51
C ALA A 587 -0.70 21.90 -13.16
N VAL A 588 0.12 22.95 -13.21
CA VAL A 588 0.52 23.65 -11.99
C VAL A 588 -0.67 24.33 -11.35
N ARG A 589 -1.49 25.01 -12.13
CA ARG A 589 -2.67 25.70 -11.60
C ARG A 589 -3.68 24.72 -11.04
N THR A 590 -3.88 23.58 -11.69
CA THR A 590 -4.82 22.56 -11.24
C THR A 590 -4.36 21.96 -9.94
N TYR A 591 -3.04 21.71 -9.81
CA TYR A 591 -2.51 21.23 -8.53
C TYR A 591 -2.76 22.28 -7.41
N GLN A 592 -2.45 23.55 -7.69
CA GLN A 592 -2.65 24.60 -6.69
C GLN A 592 -4.10 24.73 -6.22
N GLU A 593 -5.06 24.57 -7.13
CA GLU A 593 -6.47 24.70 -6.75
C GLU A 593 -7.00 23.50 -5.97
N HIS A 594 -6.45 22.31 -6.25
CA HIS A 594 -6.90 21.07 -5.61
C HIS A 594 -6.09 20.68 -4.37
N LYS A 595 -4.89 21.27 -4.18
CA LYS A 595 -3.96 20.94 -3.10
C LYS A 595 -4.61 20.80 -1.71
N ALA A 596 -5.43 21.81 -1.31
CA ALA A 596 -6.07 21.80 0.02
C ALA A 596 -7.05 20.64 0.23
N SER A 597 -7.65 20.15 -0.85
CA SER A 597 -8.65 19.07 -0.85
C SER A 597 -8.05 17.66 -1.11
N MET A 598 -6.75 17.58 -1.28
CA MET A 598 -6.08 16.34 -1.60
C MET A 598 -5.66 15.60 -0.34
N HIS A 599 -5.32 14.30 -0.48
CA HIS A 599 -4.74 13.53 0.62
C HIS A 599 -3.38 14.19 0.97
N PRO A 600 -3.01 14.32 2.26
CA PRO A 600 -1.80 15.07 2.61
C PRO A 600 -0.52 14.52 2.01
N VAL A 601 -0.42 13.19 1.88
CA VAL A 601 0.78 12.58 1.33
C VAL A 601 0.85 12.78 -0.17
N THR A 602 -0.29 12.58 -0.83
CA THR A 602 -0.36 12.80 -2.28
C THR A 602 -0.07 14.27 -2.61
N ALA A 603 -0.62 15.21 -1.81
CA ALA A 603 -0.37 16.64 -2.04
C ALA A 603 1.13 16.94 -1.93
N MET A 604 1.80 16.32 -0.93
CA MET A 604 3.22 16.55 -0.72
C MET A 604 4.02 16.04 -1.90
N LEU A 605 3.72 14.79 -2.35
CA LEU A 605 4.47 14.16 -3.42
C LEU A 605 4.24 14.81 -4.77
N VAL A 606 2.98 15.18 -5.07
CA VAL A 606 2.72 15.90 -6.34
C VAL A 606 3.44 17.25 -6.35
N GLY A 607 3.45 17.96 -5.22
CA GLY A 607 4.17 19.22 -5.12
C GLY A 607 5.66 19.04 -5.38
N LYS A 608 6.29 17.99 -4.79
CA LYS A 608 7.72 17.74 -5.05
C LYS A 608 7.94 17.40 -6.53
N ASP A 609 7.06 16.56 -7.11
CA ASP A 609 7.21 16.18 -8.52
C ASP A 609 7.12 17.41 -9.43
N LEU A 610 6.23 18.32 -9.11
CA LEU A 610 6.01 19.51 -9.94
C LEU A 610 6.95 20.70 -9.62
N LYS A 611 7.72 20.59 -8.52
CA LYS A 611 8.59 21.65 -8.01
C LYS A 611 7.77 22.87 -7.65
N VAL A 612 6.59 22.63 -7.01
CA VAL A 612 5.67 23.68 -6.57
C VAL A 612 5.68 23.58 -5.07
N ASP A 613 6.13 24.64 -4.38
CA ASP A 613 6.19 24.62 -2.92
C ASP A 613 4.91 25.15 -2.24
ZN ZN B . 1.86 -4.97 -0.97
C ACT C . 7.72 4.69 -46.00
O ACT C . 8.29 3.55 -46.11
OXT ACT C . 6.51 4.99 -46.16
CH3 ACT C . 8.64 5.91 -45.65
YB YB D . 6.01 2.70 -46.75
YB YB E . -17.53 -9.76 21.83
YB YB F . 23.50 -19.93 8.15
N1 IMD G . 5.32 -2.70 -18.22
C2 IMD G . 4.89 -3.86 -18.70
N3 IMD G . 5.51 -4.12 -19.83
C4 IMD G . 6.38 -3.09 -20.09
C5 IMD G . 6.27 -2.21 -19.09
N1 IMD H . -5.14 -5.35 -16.17
C2 IMD H . -6.21 -6.05 -16.53
N3 IMD H . -6.93 -5.31 -17.35
C4 IMD H . -6.30 -4.11 -17.52
C5 IMD H . -5.18 -4.13 -16.78
C1 WEE I . 10.08 1.84 -0.13
C2 WEE I . 11.03 1.18 0.64
C3 WEE I . 10.96 1.28 2.03
C11 WEE I . 4.09 2.32 1.81
C12 WEE I . 5.09 1.34 1.86
C13 WEE I . 6.41 1.72 2.07
C15 WEE I . 2.69 1.84 1.59
C20 WEE I . 0.22 -0.29 0.33
C21 WEE I . 1.05 -1.58 0.10
C23 WEE I . 0.23 -2.60 -0.72
C4 WEE I . 9.94 2.07 2.58
C5 WEE I . 8.99 2.67 1.76
N6 WEE I . 9.09 2.58 0.42
O7 WEE I . 8.04 3.45 2.35
C8 WEE I . 6.71 3.07 2.15
C9 WEE I . 5.73 4.06 2.10
C10 WEE I . 4.38 3.67 2.00
CL14 WEE I . 12.24 0.20 -0.16
N16 WEE I . 1.55 2.53 2.10
N17 WEE I . 0.54 1.76 1.66
N18 WEE I . 1.04 0.75 0.91
N19 WEE I . 2.38 0.81 0.92
N22 WEE I . 1.50 -2.19 1.39
O24 WEE I . 1.25 -3.30 -1.43
F25 WEE I . 9.79 2.25 3.88
#